data_2AZV
#
_entry.id   2AZV
#
_cell.length_a   1.000
_cell.length_b   1.000
_cell.length_c   1.000
_cell.angle_alpha   90.00
_cell.angle_beta   90.00
_cell.angle_gamma   90.00
#
_symmetry.space_group_name_H-M   'P 1'
#
_entity_poly.entity_id   1
_entity_poly.type   'polypeptide(L)'
_entity_poly.pdbx_seq_one_letter_code
;MEAIAKHDFSATADDELSFRKGQILKILNMEDDSNWYRAELDGKEGLIPSNYIEMKNHD
;
_entity_poly.pdbx_strand_id   A
#
# COMPACT_ATOMS: atom_id res chain seq x y z
N MET A 1 -7.21 -1.00 7.66
CA MET A 1 -7.16 -2.48 7.46
C MET A 1 -5.74 -2.96 7.11
N GLU A 2 -5.61 -4.19 6.62
CA GLU A 2 -4.29 -4.70 6.21
C GLU A 2 -4.36 -5.14 4.74
N ALA A 3 -3.22 -5.05 4.04
CA ALA A 3 -3.18 -5.46 2.64
C ALA A 3 -1.86 -6.10 2.25
N ILE A 4 -1.76 -6.50 0.99
CA ILE A 4 -0.55 -7.15 0.47
C ILE A 4 -0.23 -6.71 -0.95
N ALA A 5 1.06 -6.52 -1.22
CA ALA A 5 1.53 -6.11 -2.54
C ALA A 5 1.31 -7.19 -3.58
N LYS A 6 0.59 -6.85 -4.65
CA LYS A 6 0.34 -7.79 -5.74
C LYS A 6 1.44 -7.66 -6.81
N HIS A 7 1.99 -6.45 -6.91
CA HIS A 7 3.08 -6.17 -7.85
C HIS A 7 4.04 -5.15 -7.23
N ASP A 8 5.08 -4.88 -8.03
CA ASP A 8 6.17 -4.02 -7.58
C ASP A 8 5.86 -2.55 -7.85
N PHE A 9 6.27 -1.68 -6.93
CA PHE A 9 6.02 -0.25 -7.11
C PHE A 9 7.20 0.60 -6.65
N SER A 10 7.71 1.44 -7.55
CA SER A 10 8.79 2.36 -7.21
C SER A 10 8.32 3.82 -7.33
N ALA A 11 8.44 4.50 -6.19
CA ALA A 11 8.00 5.89 -6.01
C ALA A 11 8.60 6.88 -7.01
N THR A 12 7.77 7.85 -7.42
CA THR A 12 8.18 8.87 -8.38
C THR A 12 8.25 10.24 -7.68
N ALA A 13 7.11 10.90 -7.42
CA ALA A 13 7.09 12.20 -6.73
C ALA A 13 6.74 12.02 -5.25
N ASP A 14 6.97 13.14 -4.53
CA ASP A 14 6.66 13.25 -3.10
C ASP A 14 7.13 12.09 -2.23
N ASP A 15 6.27 11.55 -1.36
CA ASP A 15 6.69 10.42 -0.55
C ASP A 15 5.81 9.20 -0.80
N GLU A 16 6.20 8.47 -1.82
CA GLU A 16 5.55 7.24 -2.20
C GLU A 16 6.27 6.06 -1.55
N LEU A 17 5.63 4.89 -1.57
CA LEU A 17 6.24 3.72 -0.96
C LEU A 17 6.45 2.60 -1.97
N SER A 18 7.61 1.97 -1.89
CA SER A 18 7.94 0.89 -2.79
C SER A 18 7.53 -0.46 -2.19
N PHE A 19 7.23 -1.43 -3.05
CA PHE A 19 6.84 -2.75 -2.57
C PHE A 19 6.91 -3.81 -3.67
N ARG A 20 6.94 -5.07 -3.26
CA ARG A 20 7.04 -6.19 -4.19
C ARG A 20 5.98 -7.26 -3.93
N LYS A 21 5.72 -8.10 -4.93
CA LYS A 21 4.73 -9.16 -4.82
C LYS A 21 4.95 -10.03 -3.60
N GLY A 22 3.86 -10.28 -2.87
CA GLY A 22 3.92 -11.10 -1.67
C GLY A 22 4.11 -10.31 -0.38
N GLN A 23 4.41 -9.02 -0.50
CA GLN A 23 4.64 -8.19 0.67
C GLN A 23 3.36 -7.74 1.40
N ILE A 24 3.46 -7.41 2.69
CA ILE A 24 2.27 -7.02 3.45
C ILE A 24 2.25 -5.52 3.81
N LEU A 25 1.34 -4.79 3.17
CA LEU A 25 1.19 -3.35 3.40
C LEU A 25 0.03 -3.07 4.35
N LYS A 26 0.24 -2.18 5.33
CA LYS A 26 -0.81 -1.83 6.29
C LYS A 26 -1.62 -0.62 5.83
N ILE A 27 -2.96 -0.74 5.91
CA ILE A 27 -3.84 0.38 5.60
C ILE A 27 -4.28 1.09 6.89
N LEU A 28 -3.83 2.33 7.04
CA LEU A 28 -4.13 3.12 8.24
C LEU A 28 -4.15 4.62 7.91
N ASN A 29 -4.61 4.96 6.72
CA ASN A 29 -4.69 6.37 6.33
C ASN A 29 -5.94 7.04 6.92
N MET A 30 -6.52 8.03 6.24
CA MET A 30 -7.72 8.71 6.74
C MET A 30 -8.96 8.27 5.94
N GLU A 31 -9.84 9.22 5.59
CA GLU A 31 -11.01 8.91 4.80
C GLU A 31 -10.96 9.58 3.43
N ASP A 32 -9.81 9.52 2.76
CA ASP A 32 -9.69 10.08 1.41
C ASP A 32 -10.53 9.27 0.41
N ASP A 33 -10.37 7.95 0.46
CA ASP A 33 -11.07 7.03 -0.43
C ASP A 33 -10.73 7.27 -1.90
N SER A 34 -9.48 7.01 -2.29
CA SER A 34 -9.09 7.20 -3.68
C SER A 34 -7.90 6.35 -4.11
N ASN A 35 -7.14 6.87 -5.08
CA ASN A 35 -6.03 6.13 -5.67
C ASN A 35 -4.76 6.16 -4.82
N TRP A 36 -4.59 7.18 -4.00
CA TRP A 36 -3.42 7.25 -3.14
C TRP A 36 -3.83 7.02 -1.69
N TYR A 37 -3.16 6.12 -0.98
CA TYR A 37 -3.50 5.82 0.41
C TYR A 37 -2.24 5.76 1.27
N ARG A 38 -2.42 5.85 2.59
CA ARG A 38 -1.28 5.80 3.50
C ARG A 38 -1.16 4.43 4.16
N ALA A 39 0.07 3.93 4.15
CA ALA A 39 0.34 2.60 4.70
C ALA A 39 1.54 2.59 5.63
N GLU A 40 1.70 1.47 6.34
CA GLU A 40 2.80 1.28 7.28
C GLU A 40 3.46 -0.08 7.06
N LEU A 41 4.78 -0.10 7.05
CA LEU A 41 5.55 -1.33 6.87
C LEU A 41 6.87 -1.23 7.63
N ASP A 42 7.18 -2.27 8.39
CA ASP A 42 8.37 -2.31 9.24
C ASP A 42 8.52 -1.04 10.10
N GLY A 43 7.40 -0.48 10.53
CA GLY A 43 7.43 0.72 11.36
C GLY A 43 7.56 2.01 10.57
N LYS A 44 7.36 1.92 9.25
CA LYS A 44 7.48 3.08 8.37
C LYS A 44 6.15 3.33 7.69
N GLU A 45 5.77 4.60 7.55
CA GLU A 45 4.54 4.95 6.87
C GLU A 45 4.82 5.58 5.51
N GLY A 46 3.77 5.76 4.71
CA GLY A 46 3.93 6.27 3.37
C GLY A 46 2.67 6.18 2.54
N LEU A 47 2.78 6.53 1.26
CA LEU A 47 1.63 6.54 0.35
C LEU A 47 1.82 5.44 -0.70
N ILE A 48 0.73 4.73 -1.03
CA ILE A 48 0.79 3.66 -2.03
C ILE A 48 -0.49 3.65 -2.88
N PRO A 49 -0.51 2.89 -3.99
CA PRO A 49 -1.67 2.82 -4.87
C PRO A 49 -2.67 1.76 -4.42
N SER A 50 -3.91 2.18 -4.23
CA SER A 50 -4.98 1.31 -3.77
C SER A 50 -5.19 0.02 -4.60
N ASN A 51 -4.96 0.13 -5.90
CA ASN A 51 -5.04 -1.01 -6.83
C ASN A 51 -3.81 -1.92 -6.70
N TYR A 52 -2.79 -1.44 -6.03
CA TYR A 52 -1.56 -2.23 -5.87
C TYR A 52 -1.56 -3.02 -4.56
N ILE A 53 -2.62 -2.90 -3.77
CA ILE A 53 -2.72 -3.66 -2.53
C ILE A 53 -3.87 -4.66 -2.57
N GLU A 54 -3.52 -5.94 -2.48
CA GLU A 54 -4.52 -7.00 -2.49
C GLU A 54 -4.98 -7.34 -1.07
N MET A 55 -5.66 -8.47 -0.92
CA MET A 55 -6.15 -8.91 0.38
C MET A 55 -5.71 -10.34 0.67
N LYS A 56 -5.47 -10.65 1.95
CA LYS A 56 -5.06 -11.99 2.35
C LYS A 56 -5.48 -12.28 3.79
N ASN A 57 -5.21 -13.51 4.25
CA ASN A 57 -5.59 -13.91 5.60
C ASN A 57 -7.11 -13.91 5.73
N HIS A 58 -7.61 -13.96 6.97
CA HIS A 58 -9.05 -13.92 7.21
C HIS A 58 -9.83 -15.03 6.49
N ASP A 59 -10.60 -14.67 5.46
CA ASP A 59 -11.38 -15.63 4.69
C ASP A 59 -12.45 -16.28 5.56
N MET A 1 -5.64 -3.41 9.94
CA MET A 1 -5.96 -3.11 8.51
C MET A 1 -4.75 -3.35 7.62
N GLU A 2 -4.40 -4.62 7.37
CA GLU A 2 -3.23 -4.94 6.56
C GLU A 2 -3.61 -5.63 5.25
N ALA A 3 -3.01 -5.17 4.16
CA ALA A 3 -3.21 -5.75 2.83
C ALA A 3 -1.94 -6.39 2.29
N ILE A 4 -2.04 -6.88 1.05
CA ILE A 4 -0.91 -7.54 0.43
C ILE A 4 -0.68 -7.04 -1.01
N ALA A 5 0.60 -6.87 -1.37
CA ALA A 5 0.97 -6.40 -2.71
C ALA A 5 0.74 -7.46 -3.79
N LYS A 6 0.04 -7.06 -4.85
CA LYS A 6 -0.19 -7.96 -5.99
C LYS A 6 0.94 -7.82 -7.01
N HIS A 7 1.55 -6.64 -7.03
CA HIS A 7 2.66 -6.35 -7.94
C HIS A 7 3.65 -5.39 -7.26
N ASP A 8 4.70 -5.10 -8.03
CA ASP A 8 5.81 -4.30 -7.52
C ASP A 8 5.57 -2.80 -7.72
N PHE A 9 6.00 -2.00 -6.74
CA PHE A 9 5.83 -0.56 -6.84
C PHE A 9 7.06 0.18 -6.30
N SER A 10 7.67 1.00 -7.14
CA SER A 10 8.82 1.81 -6.72
C SER A 10 8.48 3.30 -6.71
N ALA A 11 8.43 3.82 -5.49
CA ALA A 11 8.12 5.21 -5.19
C ALA A 11 9.07 6.19 -5.90
N THR A 12 8.54 7.35 -6.28
CA THR A 12 9.33 8.34 -6.99
C THR A 12 9.41 9.66 -6.22
N ALA A 13 8.65 9.76 -5.13
CA ALA A 13 8.62 10.96 -4.29
C ALA A 13 8.93 10.61 -2.85
N ASP A 14 9.34 11.62 -2.10
CA ASP A 14 9.72 11.47 -0.70
C ASP A 14 8.55 11.16 0.24
N ASP A 15 7.34 11.55 -0.14
CA ASP A 15 6.19 11.34 0.73
C ASP A 15 5.41 10.06 0.44
N GLU A 16 5.95 9.27 -0.49
CA GLU A 16 5.36 8.00 -0.90
C GLU A 16 6.16 6.82 -0.33
N LEU A 17 5.56 5.64 -0.41
CA LEU A 17 6.21 4.43 0.10
C LEU A 17 6.43 3.40 -1.00
N SER A 18 7.57 2.71 -0.96
CA SER A 18 7.88 1.68 -1.96
C SER A 18 7.43 0.31 -1.45
N PHE A 19 7.12 -0.61 -2.35
CA PHE A 19 6.67 -1.94 -1.94
C PHE A 19 6.72 -2.94 -3.09
N ARG A 20 6.74 -4.23 -2.74
CA ARG A 20 6.82 -5.30 -3.73
C ARG A 20 5.72 -6.34 -3.54
N LYS A 21 5.45 -7.09 -4.61
CA LYS A 21 4.42 -8.13 -4.59
C LYS A 21 4.67 -9.15 -3.48
N GLY A 22 3.60 -9.45 -2.74
CA GLY A 22 3.67 -10.42 -1.66
C GLY A 22 3.86 -9.80 -0.29
N GLN A 23 4.29 -8.54 -0.24
CA GLN A 23 4.54 -7.87 1.02
C GLN A 23 3.29 -7.40 1.77
N ILE A 24 3.41 -7.17 3.08
CA ILE A 24 2.27 -6.76 3.90
C ILE A 24 2.27 -5.26 4.19
N LEU A 25 1.40 -4.53 3.50
CA LEU A 25 1.29 -3.08 3.69
C LEU A 25 0.10 -2.71 4.58
N LYS A 26 0.36 -1.92 5.63
CA LYS A 26 -0.71 -1.48 6.53
C LYS A 26 -1.24 -0.11 6.13
N ILE A 27 -2.56 -0.01 5.92
CA ILE A 27 -3.19 1.26 5.60
C ILE A 27 -3.54 2.07 6.84
N LEU A 28 -3.43 3.39 6.73
CA LEU A 28 -3.73 4.29 7.85
C LEU A 28 -4.98 5.12 7.58
N ASN A 29 -5.16 5.52 6.33
CA ASN A 29 -6.31 6.33 5.95
C ASN A 29 -6.73 5.99 4.53
N MET A 30 -8.05 5.90 4.36
CA MET A 30 -8.66 5.59 3.07
C MET A 30 -9.72 6.65 2.74
N GLU A 31 -10.79 6.23 2.06
CA GLU A 31 -11.97 7.08 1.73
C GLU A 31 -11.67 8.49 1.20
N ASP A 32 -10.85 9.27 1.89
CA ASP A 32 -10.62 10.65 1.50
C ASP A 32 -10.07 10.84 0.08
N ASP A 33 -9.06 10.03 -0.25
CA ASP A 33 -8.48 10.07 -1.59
C ASP A 33 -9.23 9.08 -2.48
N SER A 34 -9.18 7.80 -2.07
CA SER A 34 -9.76 6.66 -2.80
C SER A 34 -8.66 6.01 -3.63
N ASN A 35 -8.12 6.71 -4.63
CA ASN A 35 -7.12 6.10 -5.49
C ASN A 35 -5.74 6.02 -4.85
N TRP A 36 -5.61 6.54 -3.64
CA TRP A 36 -4.34 6.51 -2.93
C TRP A 36 -4.57 6.17 -1.47
N TYR A 37 -3.74 5.31 -0.92
CA TYR A 37 -3.86 4.89 0.47
C TYR A 37 -2.48 4.93 1.14
N ARG A 38 -2.47 5.19 2.44
CA ARG A 38 -1.22 5.25 3.17
C ARG A 38 -0.90 3.90 3.79
N ALA A 39 0.34 3.47 3.59
CA ALA A 39 0.76 2.17 4.10
C ALA A 39 2.06 2.24 4.90
N GLU A 40 2.30 1.18 5.66
CA GLU A 40 3.48 1.07 6.50
C GLU A 40 4.19 -0.26 6.25
N LEU A 41 5.51 -0.21 6.07
CA LEU A 41 6.32 -1.40 5.84
C LEU A 41 7.70 -1.20 6.48
N ASP A 42 8.13 -2.20 7.25
CA ASP A 42 9.39 -2.12 7.99
C ASP A 42 9.45 -0.88 8.88
N GLY A 43 8.30 -0.49 9.42
CA GLY A 43 8.25 0.68 10.29
C GLY A 43 8.27 2.00 9.52
N LYS A 44 7.95 1.92 8.24
CA LYS A 44 7.96 3.11 7.38
C LYS A 44 6.56 3.31 6.79
N GLU A 45 6.10 4.56 6.72
CA GLU A 45 4.80 4.86 6.14
C GLU A 45 4.95 5.55 4.79
N GLY A 46 3.83 5.78 4.10
CA GLY A 46 3.88 6.35 2.77
C GLY A 46 2.57 6.19 2.00
N LEU A 47 2.58 6.59 0.74
CA LEU A 47 1.39 6.53 -0.11
C LEU A 47 1.58 5.43 -1.17
N ILE A 48 0.49 4.76 -1.56
CA ILE A 48 0.55 3.68 -2.56
C ILE A 48 -0.72 3.68 -3.43
N PRO A 49 -0.68 3.06 -4.63
CA PRO A 49 -1.84 3.00 -5.52
C PRO A 49 -2.81 1.91 -5.10
N SER A 50 -4.05 2.30 -4.84
CA SER A 50 -5.10 1.40 -4.39
C SER A 50 -5.36 0.16 -5.27
N ASN A 51 -5.07 0.32 -6.57
CA ASN A 51 -5.22 -0.79 -7.55
C ASN A 51 -4.09 -1.82 -7.40
N TYR A 52 -3.06 -1.50 -6.63
CA TYR A 52 -1.94 -2.42 -6.45
C TYR A 52 -2.03 -3.21 -5.14
N ILE A 53 -3.13 -3.06 -4.41
CA ILE A 53 -3.29 -3.76 -3.14
C ILE A 53 -4.46 -4.74 -3.18
N GLU A 54 -4.45 -5.70 -2.26
CA GLU A 54 -5.51 -6.69 -2.18
C GLU A 54 -5.68 -7.20 -0.75
N MET A 55 -6.85 -6.90 -0.17
CA MET A 55 -7.16 -7.32 1.20
C MET A 55 -8.21 -8.41 1.20
N LYS A 56 -8.58 -8.86 2.40
CA LYS A 56 -9.59 -9.91 2.58
C LYS A 56 -9.36 -11.10 1.63
N ASN A 57 -9.84 -10.95 0.41
CA ASN A 57 -9.73 -12.00 -0.61
C ASN A 57 -8.36 -12.00 -1.30
N HIS A 58 -7.42 -12.78 -0.75
CA HIS A 58 -6.02 -12.83 -1.22
C HIS A 58 -5.21 -11.75 -0.51
N ASP A 59 -4.47 -12.14 0.52
CA ASP A 59 -3.67 -11.21 1.30
C ASP A 59 -2.63 -11.95 2.15
N MET A 1 -6.16 -2.06 6.45
CA MET A 1 -5.12 -1.62 7.43
C MET A 1 -3.86 -2.49 7.34
N GLU A 2 -4.00 -3.67 6.76
CA GLU A 2 -2.89 -4.59 6.60
C GLU A 2 -3.22 -5.61 5.52
N ALA A 3 -2.91 -5.21 4.29
CA ALA A 3 -3.15 -6.06 3.12
C ALA A 3 -1.81 -6.52 2.52
N ILE A 4 -1.83 -6.95 1.26
CA ILE A 4 -0.59 -7.44 0.63
C ILE A 4 -0.45 -6.96 -0.81
N ALA A 5 0.80 -6.69 -1.19
CA ALA A 5 1.13 -6.22 -2.53
C ALA A 5 0.93 -7.27 -3.61
N LYS A 6 0.27 -6.87 -4.70
CA LYS A 6 0.08 -7.76 -5.84
C LYS A 6 1.25 -7.63 -6.83
N HIS A 7 1.86 -6.45 -6.83
CA HIS A 7 3.00 -6.15 -7.69
C HIS A 7 3.95 -5.19 -6.98
N ASP A 8 5.05 -4.90 -7.68
CA ASP A 8 6.13 -4.09 -7.14
C ASP A 8 5.89 -2.60 -7.38
N PHE A 9 6.25 -1.78 -6.40
CA PHE A 9 6.08 -0.34 -6.54
C PHE A 9 7.27 0.43 -5.97
N SER A 10 7.93 1.21 -6.82
CA SER A 10 9.06 2.04 -6.38
C SER A 10 8.73 3.53 -6.51
N ALA A 11 8.80 4.20 -5.36
CA ALA A 11 8.52 5.64 -5.24
C ALA A 11 9.41 6.51 -6.14
N THR A 12 8.79 7.55 -6.68
CA THR A 12 9.49 8.49 -7.57
C THR A 12 9.54 9.89 -6.93
N ALA A 13 9.11 9.96 -5.68
CA ALA A 13 9.10 11.21 -4.92
C ALA A 13 9.10 10.90 -3.43
N ASP A 14 9.45 11.90 -2.63
CA ASP A 14 9.48 11.74 -1.18
C ASP A 14 8.06 11.68 -0.60
N ASP A 15 7.92 11.04 0.55
CA ASP A 15 6.64 10.93 1.26
C ASP A 15 5.80 9.73 0.80
N GLU A 16 6.32 9.05 -0.22
CA GLU A 16 5.71 7.84 -0.77
C GLU A 16 6.37 6.59 -0.20
N LEU A 17 5.71 5.46 -0.36
CA LEU A 17 6.26 4.19 0.11
C LEU A 17 6.58 3.24 -1.06
N SER A 18 6.84 1.98 -0.73
CA SER A 18 7.18 0.98 -1.75
C SER A 18 6.75 -0.40 -1.28
N PHE A 19 6.53 -1.33 -2.21
CA PHE A 19 6.09 -2.66 -1.84
C PHE A 19 6.26 -3.67 -3.00
N ARG A 20 6.30 -4.94 -2.64
CA ARG A 20 6.48 -6.01 -3.64
C ARG A 20 5.45 -7.13 -3.47
N LYS A 21 5.27 -7.90 -4.54
CA LYS A 21 4.34 -9.02 -4.56
C LYS A 21 4.71 -10.05 -3.49
N GLY A 22 3.71 -10.47 -2.73
CA GLY A 22 3.92 -11.46 -1.70
C GLY A 22 4.02 -10.85 -0.32
N GLN A 23 4.49 -9.61 -0.23
CA GLN A 23 4.64 -8.96 1.06
C GLN A 23 3.34 -8.37 1.62
N ILE A 24 3.31 -8.11 2.92
CA ILE A 24 2.11 -7.57 3.56
C ILE A 24 2.27 -6.08 3.85
N LEU A 25 1.62 -5.26 3.04
CA LEU A 25 1.68 -3.81 3.20
C LEU A 25 0.45 -3.31 3.97
N LYS A 26 0.65 -2.37 4.88
CA LYS A 26 -0.45 -1.84 5.68
C LYS A 26 -1.10 -0.65 4.97
N ILE A 27 -2.33 -0.87 4.48
CA ILE A 27 -3.09 0.17 3.80
C ILE A 27 -3.84 1.07 4.77
N LEU A 28 -4.12 2.29 4.31
CA LEU A 28 -4.82 3.27 5.12
C LEU A 28 -5.96 3.90 4.32
N ASN A 29 -6.65 3.07 3.55
CA ASN A 29 -7.75 3.49 2.69
C ASN A 29 -8.89 4.14 3.47
N MET A 30 -9.38 5.26 2.96
CA MET A 30 -10.47 5.96 3.61
C MET A 30 -11.65 6.21 2.65
N GLU A 31 -12.14 7.44 2.63
CA GLU A 31 -13.28 7.83 1.81
C GLU A 31 -13.05 9.09 1.00
N ASP A 32 -12.31 10.02 1.59
CA ASP A 32 -12.08 11.33 1.02
C ASP A 32 -11.44 11.39 -0.38
N ASP A 33 -10.40 10.56 -0.59
CA ASP A 33 -9.75 10.49 -1.91
C ASP A 33 -10.40 9.34 -2.70
N SER A 34 -10.19 8.12 -2.17
CA SER A 34 -10.64 6.85 -2.78
C SER A 34 -9.45 6.16 -3.47
N ASN A 35 -8.83 6.82 -4.46
CA ASN A 35 -7.74 6.18 -5.22
C ASN A 35 -6.38 6.24 -4.53
N TRP A 36 -6.17 7.23 -3.67
CA TRP A 36 -4.88 7.35 -3.00
C TRP A 36 -4.99 7.09 -1.51
N TYR A 37 -4.03 6.35 -0.95
CA TYR A 37 -4.04 6.02 0.47
C TYR A 37 -2.61 5.96 1.02
N ARG A 38 -2.50 5.83 2.34
CA ARG A 38 -1.20 5.78 3.02
C ARG A 38 -0.93 4.36 3.53
N ALA A 39 0.34 4.00 3.43
CA ALA A 39 0.76 2.65 3.78
C ALA A 39 1.95 2.65 4.74
N GLU A 40 2.26 1.47 5.28
CA GLU A 40 3.37 1.32 6.22
C GLU A 40 4.05 -0.04 6.04
N LEU A 41 5.37 -0.06 6.05
CA LEU A 41 6.14 -1.30 5.93
C LEU A 41 7.47 -1.15 6.67
N ASP A 42 7.81 -2.16 7.46
CA ASP A 42 9.01 -2.15 8.29
C ASP A 42 9.08 -0.89 9.16
N GLY A 43 7.93 -0.35 9.52
CA GLY A 43 7.89 0.85 10.36
C GLY A 43 7.99 2.14 9.56
N LYS A 44 7.79 2.05 8.25
CA LYS A 44 7.88 3.22 7.39
C LYS A 44 6.52 3.45 6.72
N GLU A 45 6.09 4.70 6.61
CA GLU A 45 4.81 5.03 5.97
C GLU A 45 4.99 5.77 4.66
N GLY A 46 3.87 6.04 3.99
CA GLY A 46 3.89 6.66 2.68
C GLY A 46 2.68 6.31 1.84
N LEU A 47 2.25 7.24 1.01
CA LEU A 47 1.14 7.00 0.07
C LEU A 47 1.43 5.84 -0.88
N ILE A 48 0.37 5.12 -1.26
CA ILE A 48 0.45 3.98 -2.18
C ILE A 48 -0.87 3.86 -2.96
N PRO A 49 -0.85 3.26 -4.18
CA PRO A 49 -2.05 3.11 -5.01
C PRO A 49 -2.99 2.00 -4.51
N SER A 50 -4.25 2.37 -4.28
CA SER A 50 -5.27 1.45 -3.77
C SER A 50 -5.48 0.17 -4.60
N ASN A 51 -5.27 0.27 -5.90
CA ASN A 51 -5.40 -0.89 -6.80
C ASN A 51 -4.18 -1.83 -6.69
N TYR A 52 -3.18 -1.43 -5.92
CA TYR A 52 -1.98 -2.27 -5.75
C TYR A 52 -2.03 -3.13 -4.48
N ILE A 53 -3.13 -3.03 -3.74
CA ILE A 53 -3.29 -3.79 -2.50
C ILE A 53 -4.38 -4.87 -2.64
N GLU A 54 -4.02 -6.12 -2.33
CA GLU A 54 -4.95 -7.25 -2.42
C GLU A 54 -4.43 -8.42 -1.58
N MET A 55 -5.02 -9.61 -1.77
CA MET A 55 -4.61 -10.79 -1.01
C MET A 55 -4.91 -12.10 -1.75
N LYS A 56 -5.35 -12.00 -3.00
CA LYS A 56 -5.67 -13.20 -3.79
C LYS A 56 -5.42 -12.96 -5.28
N ASN A 57 -5.54 -11.71 -5.70
CA ASN A 57 -5.33 -11.35 -7.11
C ASN A 57 -6.49 -11.84 -7.97
N HIS A 58 -7.27 -10.88 -8.44
CA HIS A 58 -8.36 -11.22 -9.35
C HIS A 58 -7.99 -10.78 -10.77
N ASP A 59 -6.73 -11.04 -11.13
CA ASP A 59 -6.23 -10.70 -12.46
C ASP A 59 -5.12 -11.66 -12.88
N MET A 1 -6.20 -3.66 9.76
CA MET A 1 -6.22 -3.19 8.36
C MET A 1 -4.95 -3.60 7.63
N GLU A 2 -4.86 -4.89 7.26
CA GLU A 2 -3.66 -5.37 6.57
C GLU A 2 -3.97 -5.81 5.15
N ALA A 3 -3.00 -5.59 4.25
CA ALA A 3 -3.15 -5.98 2.86
C ALA A 3 -1.88 -6.61 2.28
N ILE A 4 -1.95 -6.95 1.00
CA ILE A 4 -0.82 -7.60 0.32
C ILE A 4 -0.61 -7.05 -1.09
N ALA A 5 0.66 -6.91 -1.47
CA ALA A 5 1.03 -6.41 -2.79
C ALA A 5 0.73 -7.42 -3.90
N LYS A 6 -0.02 -6.98 -4.92
CA LYS A 6 -0.31 -7.83 -6.07
C LYS A 6 0.76 -7.66 -7.15
N HIS A 7 1.36 -6.47 -7.17
CA HIS A 7 2.42 -6.14 -8.12
C HIS A 7 3.47 -5.27 -7.43
N ASP A 8 4.50 -5.00 -8.21
CA ASP A 8 5.67 -4.28 -7.70
C ASP A 8 5.48 -2.76 -7.80
N PHE A 9 5.95 -2.05 -6.78
CA PHE A 9 5.83 -0.59 -6.78
C PHE A 9 7.11 0.06 -6.23
N SER A 10 7.77 0.87 -7.06
CA SER A 10 8.97 1.58 -6.61
C SER A 10 8.74 3.09 -6.58
N ALA A 11 8.83 3.61 -5.37
CA ALA A 11 8.63 5.02 -5.05
C ALA A 11 9.57 5.93 -5.84
N THR A 12 9.05 7.09 -6.23
CA THR A 12 9.81 8.06 -7.01
C THR A 12 10.04 9.33 -6.18
N ALA A 13 8.96 9.90 -5.62
CA ALA A 13 9.06 11.08 -4.79
C ALA A 13 9.45 10.72 -3.36
N ASP A 14 9.91 11.73 -2.62
CA ASP A 14 10.35 11.56 -1.24
C ASP A 14 9.20 11.26 -0.29
N ASP A 15 8.01 11.72 -0.62
CA ASP A 15 6.85 11.55 0.25
C ASP A 15 5.97 10.36 -0.14
N GLU A 16 6.52 9.54 -1.03
CA GLU A 16 5.85 8.36 -1.57
C GLU A 16 6.38 7.07 -0.92
N LEU A 17 5.65 5.98 -1.08
CA LEU A 17 6.06 4.71 -0.48
C LEU A 17 6.19 3.59 -1.52
N SER A 18 7.26 2.80 -1.38
CA SER A 18 7.50 1.69 -2.31
C SER A 18 7.20 0.36 -1.64
N PHE A 19 6.85 -0.63 -2.44
CA PHE A 19 6.53 -1.96 -1.92
C PHE A 19 6.56 -3.02 -3.02
N ARG A 20 6.76 -4.28 -2.63
CA ARG A 20 6.82 -5.36 -3.61
C ARG A 20 5.69 -6.37 -3.43
N LYS A 21 5.37 -7.05 -4.54
CA LYS A 21 4.31 -8.06 -4.52
C LYS A 21 4.52 -9.04 -3.37
N GLY A 22 3.70 -10.08 -3.32
CA GLY A 22 3.78 -11.07 -2.25
C GLY A 22 3.88 -10.51 -0.81
N GLN A 23 4.37 -9.28 -0.64
CA GLN A 23 4.56 -8.71 0.71
C GLN A 23 3.30 -8.17 1.40
N ILE A 24 3.34 -8.02 2.72
CA ILE A 24 2.18 -7.54 3.47
C ILE A 24 2.34 -6.12 4.00
N LEU A 25 1.57 -5.20 3.43
CA LEU A 25 1.61 -3.78 3.80
C LEU A 25 0.50 -3.45 4.79
N LYS A 26 0.81 -2.64 5.82
CA LYS A 26 -0.16 -2.22 6.82
C LYS A 26 -0.78 -0.88 6.48
N ILE A 27 -2.11 -0.82 6.49
CA ILE A 27 -2.82 0.44 6.26
C ILE A 27 -3.25 1.10 7.57
N LEU A 28 -3.03 2.42 7.66
CA LEU A 28 -3.40 3.21 8.84
C LEU A 28 -4.55 4.16 8.49
N ASN A 29 -5.47 3.65 7.67
CA ASN A 29 -6.68 4.38 7.26
C ASN A 29 -7.19 3.92 5.90
N MET A 30 -8.51 3.74 5.84
CA MET A 30 -9.21 3.34 4.63
C MET A 30 -10.57 4.04 4.56
N GLU A 31 -10.93 4.54 3.37
CA GLU A 31 -12.17 5.32 3.15
C GLU A 31 -11.84 6.79 2.89
N ASP A 32 -10.91 7.37 3.67
CA ASP A 32 -10.62 8.79 3.51
C ASP A 32 -10.06 9.12 2.12
N ASP A 33 -9.07 8.33 1.69
CA ASP A 33 -8.51 8.49 0.35
C ASP A 33 -9.19 7.44 -0.54
N SER A 34 -9.65 7.82 -1.73
CA SER A 34 -10.23 6.84 -2.65
C SER A 34 -9.09 6.13 -3.44
N ASN A 35 -8.45 6.82 -4.40
CA ASN A 35 -7.44 6.18 -5.27
C ASN A 35 -6.05 6.01 -4.64
N TRP A 36 -5.70 6.90 -3.73
CA TRP A 36 -4.40 6.80 -3.05
C TRP A 36 -4.61 6.47 -1.58
N TYR A 37 -3.82 5.57 -0.99
CA TYR A 37 -4.01 5.23 0.41
C TYR A 37 -2.70 5.28 1.19
N ARG A 38 -2.81 5.55 2.49
CA ARG A 38 -1.63 5.64 3.35
C ARG A 38 -1.39 4.33 4.10
N ALA A 39 -0.17 3.80 3.97
CA ALA A 39 0.19 2.58 4.67
C ALA A 39 1.62 2.63 5.20
N GLU A 40 1.99 1.62 5.96
CA GLU A 40 3.33 1.51 6.55
C GLU A 40 3.97 0.18 6.16
N LEU A 41 5.28 0.20 5.95
CA LEU A 41 6.02 -1.01 5.61
C LEU A 41 7.39 -0.97 6.31
N ASP A 42 7.70 -2.04 7.03
CA ASP A 42 8.93 -2.11 7.81
C ASP A 42 9.09 -0.88 8.72
N GLY A 43 7.97 -0.30 9.15
CA GLY A 43 8.02 0.86 10.03
C GLY A 43 8.10 2.18 9.27
N LYS A 44 7.78 2.15 7.98
CA LYS A 44 7.83 3.36 7.16
C LYS A 44 6.43 3.67 6.62
N GLU A 45 6.04 4.95 6.62
CA GLU A 45 4.72 5.35 6.13
C GLU A 45 4.78 6.20 4.86
N GLY A 46 3.87 5.90 3.95
CA GLY A 46 3.76 6.64 2.70
C GLY A 46 2.56 6.16 1.88
N LEU A 47 2.20 6.92 0.85
CA LEU A 47 1.10 6.53 -0.03
C LEU A 47 1.47 5.40 -1.01
N ILE A 48 0.42 4.67 -1.40
CA ILE A 48 0.51 3.53 -2.34
C ILE A 48 -0.72 3.49 -3.24
N PRO A 49 -0.59 3.01 -4.51
CA PRO A 49 -1.75 2.95 -5.41
C PRO A 49 -2.73 1.86 -4.98
N SER A 50 -3.94 2.27 -4.66
CA SER A 50 -5.00 1.38 -4.17
C SER A 50 -5.31 0.16 -5.06
N ASN A 51 -5.20 0.35 -6.37
CA ASN A 51 -5.41 -0.74 -7.33
C ASN A 51 -4.19 -1.68 -7.40
N TYR A 52 -3.13 -1.31 -6.69
CA TYR A 52 -1.91 -2.14 -6.66
C TYR A 52 -1.85 -3.04 -5.42
N ILE A 53 -2.86 -2.95 -4.56
CA ILE A 53 -2.89 -3.72 -3.34
C ILE A 53 -4.24 -4.46 -3.20
N GLU A 54 -4.35 -5.34 -2.20
CA GLU A 54 -5.59 -6.10 -1.98
C GLU A 54 -5.78 -6.43 -0.51
N MET A 55 -7.01 -6.29 -0.03
CA MET A 55 -7.35 -6.56 1.37
C MET A 55 -7.94 -7.96 1.55
N LYS A 56 -7.85 -8.47 2.78
CA LYS A 56 -8.37 -9.80 3.09
C LYS A 56 -9.59 -9.73 4.02
N ASN A 57 -9.48 -10.26 5.25
CA ASN A 57 -10.58 -10.23 6.20
C ASN A 57 -11.91 -10.70 5.60
N HIS A 58 -12.09 -12.01 5.43
CA HIS A 58 -13.29 -12.55 4.82
C HIS A 58 -13.43 -12.06 3.37
N ASP A 59 -14.59 -11.52 3.00
CA ASP A 59 -14.81 -11.03 1.65
C ASP A 59 -14.52 -9.54 1.56
N MET A 1 -1.60 -9.14 6.06
CA MET A 1 -2.72 -9.06 7.03
C MET A 1 -3.70 -7.93 6.67
N GLU A 2 -3.38 -6.69 7.06
CA GLU A 2 -4.24 -5.55 6.69
C GLU A 2 -4.42 -5.57 5.17
N ALA A 3 -3.28 -5.53 4.46
CA ALA A 3 -3.28 -5.59 3.01
C ALA A 3 -1.99 -6.24 2.49
N ILE A 4 -2.01 -6.63 1.22
CA ILE A 4 -0.84 -7.30 0.62
C ILE A 4 -0.55 -6.77 -0.79
N ALA A 5 0.75 -6.61 -1.08
CA ALA A 5 1.23 -6.12 -2.38
C ALA A 5 0.99 -7.13 -3.51
N LYS A 6 0.36 -6.66 -4.58
CA LYS A 6 0.13 -7.50 -5.75
C LYS A 6 1.23 -7.32 -6.81
N HIS A 7 1.84 -6.12 -6.79
CA HIS A 7 2.92 -5.78 -7.72
C HIS A 7 3.91 -4.81 -7.05
N ASP A 8 4.96 -4.51 -7.82
CA ASP A 8 6.06 -3.68 -7.33
C ASP A 8 5.80 -2.19 -7.51
N PHE A 9 6.22 -1.38 -6.53
CA PHE A 9 6.03 0.06 -6.60
C PHE A 9 7.23 0.84 -6.04
N SER A 10 7.73 1.83 -6.77
CA SER A 10 8.85 2.66 -6.31
C SER A 10 8.53 4.17 -6.38
N ALA A 11 8.66 4.81 -5.20
CA ALA A 11 8.38 6.25 -4.99
C ALA A 11 9.16 7.20 -5.90
N THR A 12 8.47 8.27 -6.33
CA THR A 12 9.05 9.27 -7.23
C THR A 12 9.00 10.71 -6.64
N ALA A 13 8.16 10.89 -5.62
CA ALA A 13 7.93 12.19 -4.96
C ALA A 13 7.20 11.96 -3.61
N ASP A 14 6.39 12.97 -3.22
CA ASP A 14 5.62 12.97 -1.95
C ASP A 14 5.61 11.59 -1.28
N ASP A 15 6.56 11.44 -0.33
CA ASP A 15 6.81 10.21 0.42
C ASP A 15 5.90 9.04 0.06
N GLU A 16 6.34 8.31 -0.94
CA GLU A 16 5.67 7.10 -1.41
C GLU A 16 6.32 5.88 -0.78
N LEU A 17 5.64 4.74 -0.88
CA LEU A 17 6.18 3.50 -0.32
C LEU A 17 6.38 2.43 -1.37
N SER A 18 7.53 1.76 -1.28
CA SER A 18 7.86 0.70 -2.24
C SER A 18 7.40 -0.66 -1.72
N PHE A 19 7.11 -1.59 -2.63
CA PHE A 19 6.69 -2.93 -2.23
C PHE A 19 6.76 -3.94 -3.38
N ARG A 20 6.82 -5.22 -3.01
CA ARG A 20 6.94 -6.31 -3.99
C ARG A 20 5.81 -7.33 -3.87
N LYS A 21 5.59 -8.09 -4.95
CA LYS A 21 4.54 -9.12 -4.99
C LYS A 21 4.70 -10.08 -3.82
N GLY A 22 3.57 -10.33 -3.14
CA GLY A 22 3.56 -11.24 -2.01
C GLY A 22 3.78 -10.55 -0.68
N GLN A 23 4.12 -9.27 -0.73
CA GLN A 23 4.39 -8.51 0.50
C GLN A 23 3.14 -8.04 1.23
N ILE A 24 3.27 -7.72 2.52
CA ILE A 24 2.10 -7.31 3.31
C ILE A 24 2.20 -5.86 3.79
N LEU A 25 1.39 -4.99 3.18
CA LEU A 25 1.36 -3.58 3.54
C LEU A 25 0.23 -3.28 4.53
N LYS A 26 0.45 -2.31 5.42
CA LYS A 26 -0.56 -1.94 6.40
C LYS A 26 -1.31 -0.67 5.99
N ILE A 27 -2.63 -0.71 6.19
CA ILE A 27 -3.47 0.47 5.94
C ILE A 27 -3.55 1.33 7.21
N LEU A 28 -3.04 2.56 7.12
CA LEU A 28 -3.02 3.46 8.27
C LEU A 28 -3.42 4.88 7.90
N ASN A 29 -4.15 5.04 6.80
CA ASN A 29 -4.55 6.38 6.38
C ASN A 29 -5.76 6.88 7.17
N MET A 30 -6.12 8.15 6.97
CA MET A 30 -7.25 8.75 7.66
C MET A 30 -8.51 8.69 6.80
N GLU A 31 -8.72 7.54 6.15
CA GLU A 31 -9.87 7.32 5.28
C GLU A 31 -9.71 8.04 3.95
N ASP A 32 -8.53 7.94 3.34
CA ASP A 32 -8.31 8.56 2.04
C ASP A 32 -9.13 7.87 0.94
N ASP A 33 -9.04 6.53 0.93
CA ASP A 33 -9.72 5.72 -0.08
C ASP A 33 -9.18 6.00 -1.50
N SER A 34 -10.06 6.48 -2.39
CA SER A 34 -9.74 6.77 -3.79
C SER A 34 -8.53 5.99 -4.35
N ASN A 35 -7.82 6.60 -5.30
CA ASN A 35 -6.71 5.95 -5.97
C ASN A 35 -5.41 5.97 -5.17
N TRP A 36 -5.22 6.99 -4.33
CA TRP A 36 -4.00 7.06 -3.51
C TRP A 36 -4.34 6.81 -2.04
N TYR A 37 -3.60 5.93 -1.36
CA TYR A 37 -3.86 5.63 0.04
C TYR A 37 -2.56 5.57 0.84
N ARG A 38 -2.64 5.61 2.17
CA ARG A 38 -1.44 5.60 3.00
C ARG A 38 -1.21 4.22 3.64
N ALA A 39 0.04 3.78 3.53
CA ALA A 39 0.43 2.48 4.06
C ALA A 39 1.69 2.54 4.91
N GLU A 40 1.93 1.49 5.68
CA GLU A 40 3.10 1.40 6.55
C GLU A 40 3.81 0.06 6.33
N LEU A 41 5.14 0.10 6.24
CA LEU A 41 5.94 -1.12 6.04
C LEU A 41 7.24 -1.02 6.84
N ASP A 42 7.50 -2.08 7.60
CA ASP A 42 8.66 -2.14 8.50
C ASP A 42 8.83 -0.86 9.32
N GLY A 43 7.71 -0.25 9.72
CA GLY A 43 7.76 0.96 10.53
C GLY A 43 7.86 2.24 9.71
N LYS A 44 7.62 2.13 8.41
CA LYS A 44 7.71 3.30 7.52
C LYS A 44 6.37 3.52 6.84
N GLU A 45 5.96 4.79 6.71
CA GLU A 45 4.72 5.13 6.03
C GLU A 45 4.99 5.76 4.67
N GLY A 46 3.94 5.92 3.87
CA GLY A 46 4.10 6.42 2.52
C GLY A 46 2.80 6.38 1.71
N LEU A 47 2.90 6.78 0.44
CA LEU A 47 1.74 6.86 -0.46
C LEU A 47 1.88 5.84 -1.58
N ILE A 48 0.81 5.11 -1.91
CA ILE A 48 0.83 4.11 -2.99
C ILE A 48 -0.56 3.98 -3.63
N PRO A 49 -0.69 3.26 -4.76
CA PRO A 49 -1.98 3.10 -5.45
C PRO A 49 -2.84 2.00 -4.83
N SER A 50 -4.08 2.34 -4.49
CA SER A 50 -5.02 1.41 -3.87
C SER A 50 -5.26 0.11 -4.66
N ASN A 51 -5.14 0.22 -5.97
CA ASN A 51 -5.29 -0.94 -6.85
C ASN A 51 -4.12 -1.92 -6.70
N TYR A 52 -3.10 -1.49 -5.96
CA TYR A 52 -1.92 -2.33 -5.74
C TYR A 52 -1.98 -3.07 -4.39
N ILE A 53 -3.08 -2.92 -3.66
CA ILE A 53 -3.21 -3.56 -2.34
C ILE A 53 -4.39 -4.54 -2.29
N GLU A 54 -4.08 -5.81 -2.03
CA GLU A 54 -5.09 -6.86 -1.94
C GLU A 54 -5.68 -6.89 -0.53
N MET A 55 -6.81 -7.58 -0.37
CA MET A 55 -7.47 -7.70 0.93
C MET A 55 -7.65 -9.16 1.33
N LYS A 56 -6.53 -9.86 1.53
CA LYS A 56 -6.56 -11.27 1.91
C LYS A 56 -6.54 -11.43 3.44
N ASN A 57 -5.52 -12.11 3.96
CA ASN A 57 -5.37 -12.37 5.40
C ASN A 57 -6.15 -13.60 5.84
N HIS A 58 -6.85 -14.24 4.91
CA HIS A 58 -7.57 -15.48 5.19
C HIS A 58 -8.41 -15.91 4.00
N ASP A 59 -8.75 -17.20 3.99
CA ASP A 59 -9.54 -17.78 2.91
C ASP A 59 -11.03 -17.50 3.12
N MET A 1 -6.00 -3.18 9.43
CA MET A 1 -6.04 -2.80 8.00
C MET A 1 -4.73 -3.20 7.31
N GLU A 2 -4.62 -4.43 6.83
CA GLU A 2 -3.38 -4.85 6.17
C GLU A 2 -3.67 -5.63 4.88
N ALA A 3 -2.93 -5.29 3.83
CA ALA A 3 -3.08 -5.96 2.54
C ALA A 3 -1.76 -6.53 2.03
N ILE A 4 -1.78 -6.98 0.78
CA ILE A 4 -0.60 -7.59 0.18
C ILE A 4 -0.39 -7.09 -1.26
N ALA A 5 0.88 -6.86 -1.60
CA ALA A 5 1.25 -6.39 -2.94
C ALA A 5 0.99 -7.42 -4.03
N LYS A 6 0.33 -6.95 -5.10
CA LYS A 6 0.06 -7.80 -6.26
C LYS A 6 1.23 -7.70 -7.26
N HIS A 7 1.96 -6.60 -7.18
CA HIS A 7 3.10 -6.35 -8.05
C HIS A 7 4.09 -5.41 -7.38
N ASP A 8 5.17 -5.17 -8.14
CA ASP A 8 6.29 -4.37 -7.65
C ASP A 8 6.01 -2.88 -7.91
N PHE A 9 6.43 -2.03 -6.97
CA PHE A 9 6.19 -0.59 -7.12
C PHE A 9 7.40 0.23 -6.64
N SER A 10 7.95 1.03 -7.54
CA SER A 10 9.06 1.91 -7.19
C SER A 10 8.65 3.38 -7.30
N ALA A 11 8.75 4.04 -6.15
CA ALA A 11 8.39 5.45 -5.99
C ALA A 11 9.14 6.37 -6.95
N THR A 12 8.43 7.39 -7.43
CA THR A 12 9.00 8.35 -8.38
C THR A 12 9.14 9.70 -7.67
N ALA A 13 8.03 10.34 -7.30
CA ALA A 13 8.06 11.60 -6.59
C ALA A 13 8.29 11.35 -5.10
N ASP A 14 8.69 12.40 -4.40
CA ASP A 14 8.96 12.32 -2.96
C ASP A 14 7.67 12.13 -2.15
N ASP A 15 7.80 11.49 -0.98
CA ASP A 15 6.66 11.27 -0.06
C ASP A 15 5.85 10.02 -0.38
N GLU A 16 6.35 9.26 -1.37
CA GLU A 16 5.72 8.03 -1.81
C GLU A 16 6.40 6.80 -1.21
N LEU A 17 5.73 5.66 -1.31
CA LEU A 17 6.26 4.41 -0.77
C LEU A 17 6.41 3.32 -1.84
N SER A 18 7.33 2.38 -1.58
CA SER A 18 7.58 1.27 -2.51
C SER A 18 7.29 -0.08 -1.87
N PHE A 19 7.02 -1.10 -2.68
CA PHE A 19 6.72 -2.44 -2.17
C PHE A 19 6.83 -3.50 -3.29
N ARG A 20 6.88 -4.77 -2.87
CA ARG A 20 7.01 -5.88 -3.83
C ARG A 20 5.90 -6.92 -3.65
N LYS A 21 5.68 -7.69 -4.73
CA LYS A 21 4.65 -8.74 -4.75
C LYS A 21 4.88 -9.75 -3.64
N GLY A 22 3.80 -10.05 -2.92
CA GLY A 22 3.85 -11.02 -1.83
C GLY A 22 3.97 -10.38 -0.48
N GLN A 23 4.40 -9.13 -0.43
CA GLN A 23 4.56 -8.43 0.83
C GLN A 23 3.27 -7.89 1.42
N ILE A 24 3.22 -7.64 2.73
CA ILE A 24 2.01 -7.14 3.37
C ILE A 24 2.15 -5.69 3.82
N LEU A 25 1.40 -4.81 3.16
CA LEU A 25 1.41 -3.39 3.47
C LEU A 25 0.22 -2.99 4.34
N LYS A 26 0.42 -2.05 5.25
CA LYS A 26 -0.66 -1.59 6.12
C LYS A 26 -1.39 -0.40 5.51
N ILE A 27 -2.66 -0.60 5.15
CA ILE A 27 -3.48 0.47 4.58
C ILE A 27 -4.06 1.37 5.67
N LEU A 28 -4.30 2.63 5.31
CA LEU A 28 -4.84 3.62 6.24
C LEU A 28 -6.20 4.16 5.74
N ASN A 29 -6.31 4.33 4.43
CA ASN A 29 -7.54 4.76 3.75
C ASN A 29 -8.54 5.56 4.59
N MET A 30 -8.56 6.87 4.34
CA MET A 30 -9.45 7.78 5.08
C MET A 30 -10.80 8.01 4.38
N GLU A 31 -10.85 7.79 3.05
CA GLU A 31 -12.08 8.02 2.24
C GLU A 31 -11.96 9.22 1.33
N ASP A 32 -11.21 10.21 1.81
CA ASP A 32 -11.05 11.50 1.16
C ASP A 32 -10.53 11.53 -0.27
N ASP A 33 -9.50 10.71 -0.53
CA ASP A 33 -8.96 10.60 -1.87
C ASP A 33 -9.63 9.41 -2.56
N SER A 34 -9.39 8.22 -1.99
CA SER A 34 -9.87 6.92 -2.50
C SER A 34 -8.72 6.23 -3.22
N ASN A 35 -8.14 6.87 -4.23
CA ASN A 35 -7.09 6.22 -5.03
C ASN A 35 -5.74 6.27 -4.33
N TRP A 36 -5.50 7.28 -3.49
CA TRP A 36 -4.24 7.37 -2.77
C TRP A 36 -4.45 7.16 -1.28
N TYR A 37 -3.61 6.34 -0.65
CA TYR A 37 -3.75 6.09 0.79
C TYR A 37 -2.39 5.88 1.43
N ARG A 38 -2.36 5.84 2.76
CA ARG A 38 -1.11 5.68 3.50
C ARG A 38 -0.92 4.23 3.98
N ALA A 39 0.35 3.83 3.91
CA ALA A 39 0.76 2.48 4.22
C ALA A 39 1.83 2.45 5.31
N GLU A 40 1.82 1.40 6.13
CA GLU A 40 2.77 1.26 7.22
C GLU A 40 3.44 -0.11 7.21
N LEU A 41 4.77 -0.13 7.28
CA LEU A 41 5.53 -1.38 7.32
C LEU A 41 6.91 -1.15 7.92
N ASP A 42 7.37 -2.13 8.70
CA ASP A 42 8.65 -2.03 9.39
C ASP A 42 8.78 -0.73 10.19
N GLY A 43 7.64 -0.18 10.59
CA GLY A 43 7.64 1.04 11.38
C GLY A 43 7.72 2.30 10.53
N LYS A 44 7.47 2.17 9.23
CA LYS A 44 7.54 3.30 8.31
C LYS A 44 6.19 3.51 7.62
N GLU A 45 5.79 4.76 7.46
CA GLU A 45 4.54 5.09 6.78
C GLU A 45 4.83 5.69 5.40
N GLY A 46 3.77 5.84 4.60
CA GLY A 46 3.93 6.31 3.24
C GLY A 46 2.64 6.24 2.43
N LEU A 47 2.73 6.61 1.15
CA LEU A 47 1.56 6.63 0.26
C LEU A 47 1.71 5.54 -0.79
N ILE A 48 0.62 4.83 -1.10
CA ILE A 48 0.63 3.75 -2.09
C ILE A 48 -0.72 3.68 -2.84
N PRO A 49 -0.78 3.02 -4.03
CA PRO A 49 -2.00 2.91 -4.83
C PRO A 49 -2.95 1.81 -4.35
N SER A 50 -4.19 2.19 -4.11
CA SER A 50 -5.23 1.28 -3.62
C SER A 50 -5.46 0.00 -4.45
N ASN A 51 -5.34 0.11 -5.78
CA ASN A 51 -5.49 -1.03 -6.69
C ASN A 51 -4.23 -1.91 -6.69
N TYR A 52 -3.17 -1.43 -6.05
CA TYR A 52 -1.91 -2.17 -6.00
C TYR A 52 -1.80 -3.07 -4.76
N ILE A 53 -2.80 -3.02 -3.90
CA ILE A 53 -2.83 -3.86 -2.70
C ILE A 53 -4.01 -4.83 -2.70
N GLU A 54 -3.72 -6.10 -2.50
CA GLU A 54 -4.74 -7.15 -2.46
C GLU A 54 -5.39 -7.24 -1.08
N MET A 55 -6.65 -6.85 -0.99
CA MET A 55 -7.39 -6.91 0.28
C MET A 55 -8.88 -7.14 0.05
N LYS A 56 -9.33 -6.94 -1.19
CA LYS A 56 -10.72 -7.14 -1.56
C LYS A 56 -11.02 -8.62 -1.80
N ASN A 57 -10.44 -9.49 -0.97
CA ASN A 57 -10.64 -10.93 -1.12
C ASN A 57 -12.02 -11.36 -0.65
N HIS A 58 -12.24 -11.43 0.68
CA HIS A 58 -13.54 -11.77 1.24
C HIS A 58 -14.11 -13.12 0.81
N ASP A 59 -14.99 -13.13 -0.19
CA ASP A 59 -15.59 -14.37 -0.67
C ASP A 59 -14.68 -15.07 -1.67
N MET A 1 -5.39 -3.65 9.79
CA MET A 1 -5.51 -3.17 8.38
C MET A 1 -4.24 -3.47 7.59
N GLU A 2 -4.16 -4.64 6.96
CA GLU A 2 -2.97 -4.99 6.18
C GLU A 2 -3.34 -5.70 4.89
N ALA A 3 -2.89 -5.16 3.77
CA ALA A 3 -3.14 -5.77 2.46
C ALA A 3 -1.87 -6.39 1.88
N ILE A 4 -1.97 -6.83 0.63
CA ILE A 4 -0.85 -7.49 -0.03
C ILE A 4 -0.60 -6.92 -1.43
N ALA A 5 0.68 -6.73 -1.75
CA ALA A 5 1.10 -6.21 -3.06
C ALA A 5 0.84 -7.20 -4.20
N LYS A 6 0.11 -6.75 -5.22
CA LYS A 6 -0.14 -7.59 -6.40
C LYS A 6 0.99 -7.41 -7.43
N HIS A 7 1.68 -6.28 -7.32
CA HIS A 7 2.81 -5.96 -8.21
C HIS A 7 3.81 -5.09 -7.47
N ASP A 8 4.88 -4.77 -8.19
CA ASP A 8 6.01 -4.05 -7.62
C ASP A 8 5.80 -2.53 -7.72
N PHE A 9 6.23 -1.79 -6.71
CA PHE A 9 6.06 -0.34 -6.73
C PHE A 9 7.28 0.38 -6.15
N SER A 10 7.89 1.26 -6.96
CA SER A 10 9.03 2.05 -6.50
C SER A 10 8.67 3.54 -6.48
N ALA A 11 8.49 4.03 -5.25
CA ALA A 11 8.10 5.40 -4.99
C ALA A 11 9.13 6.41 -5.52
N THR A 12 8.87 6.99 -6.68
CA THR A 12 9.78 7.98 -7.25
C THR A 12 9.90 9.24 -6.38
N ALA A 13 8.78 9.83 -5.96
CA ALA A 13 8.81 11.02 -5.10
C ALA A 13 8.90 10.61 -3.63
N ASP A 14 9.30 11.57 -2.80
CA ASP A 14 9.43 11.34 -1.35
C ASP A 14 8.07 11.24 -0.66
N ASP A 15 8.03 10.53 0.47
CA ASP A 15 6.81 10.36 1.27
C ASP A 15 5.91 9.23 0.79
N GLU A 16 6.41 8.53 -0.22
CA GLU A 16 5.72 7.40 -0.81
C GLU A 16 6.29 6.09 -0.26
N LEU A 17 5.57 4.99 -0.50
CA LEU A 17 6.01 3.70 -0.01
C LEU A 17 6.19 2.67 -1.13
N SER A 18 7.33 1.99 -1.12
CA SER A 18 7.65 0.97 -2.11
C SER A 18 7.41 -0.42 -1.53
N PHE A 19 7.11 -1.39 -2.39
CA PHE A 19 6.91 -2.77 -1.96
C PHE A 19 6.95 -3.73 -3.15
N ARG A 20 6.96 -5.03 -2.86
CA ARG A 20 7.04 -6.05 -3.90
C ARG A 20 5.91 -7.06 -3.80
N LYS A 21 5.64 -7.75 -4.90
CA LYS A 21 4.60 -8.76 -4.98
C LYS A 21 4.74 -9.79 -3.87
N GLY A 22 3.62 -10.07 -3.19
CA GLY A 22 3.61 -11.05 -2.12
C GLY A 22 3.82 -10.44 -0.75
N GLN A 23 4.21 -9.16 -0.70
CA GLN A 23 4.47 -8.49 0.57
C GLN A 23 3.22 -8.02 1.31
N ILE A 24 3.30 -7.82 2.63
CA ILE A 24 2.12 -7.39 3.40
C ILE A 24 2.33 -6.01 4.04
N LEU A 25 1.65 -5.01 3.49
CA LEU A 25 1.75 -3.63 3.98
C LEU A 25 0.58 -3.28 4.90
N LYS A 26 0.85 -2.51 5.95
CA LYS A 26 -0.20 -2.08 6.88
C LYS A 26 -0.72 -0.70 6.52
N ILE A 27 -2.03 -0.61 6.30
CA ILE A 27 -2.67 0.68 6.01
C ILE A 27 -3.07 1.43 7.28
N LEU A 28 -3.01 2.77 7.19
CA LEU A 28 -3.36 3.64 8.31
C LEU A 28 -4.44 4.64 7.87
N ASN A 29 -5.31 4.17 6.96
CA ASN A 29 -6.43 4.96 6.43
C ASN A 29 -6.78 4.55 5.00
N MET A 30 -7.47 3.42 4.86
CA MET A 30 -7.87 2.93 3.55
C MET A 30 -9.37 3.14 3.34
N GLU A 31 -10.03 3.71 4.35
CA GLU A 31 -11.47 3.97 4.28
C GLU A 31 -11.76 5.33 3.68
N ASP A 32 -10.84 5.85 2.86
CA ASP A 32 -11.08 7.15 2.24
C ASP A 32 -11.49 7.11 0.77
N ASP A 33 -11.59 5.86 0.33
CA ASP A 33 -11.96 5.49 -1.02
C ASP A 33 -10.86 5.77 -2.06
N SER A 34 -11.18 6.64 -3.01
CA SER A 34 -10.30 7.07 -4.12
C SER A 34 -9.20 6.07 -4.55
N ASN A 35 -8.23 6.62 -5.28
CA ASN A 35 -7.13 5.86 -5.89
C ASN A 35 -5.87 5.75 -5.01
N TRP A 36 -5.64 6.69 -4.09
CA TRP A 36 -4.43 6.63 -3.26
C TRP A 36 -4.75 6.28 -1.80
N TYR A 37 -3.96 5.38 -1.21
CA TYR A 37 -4.17 4.97 0.19
C TYR A 37 -2.88 5.16 1.00
N ARG A 38 -3.02 5.26 2.32
CA ARG A 38 -1.87 5.43 3.20
C ARG A 38 -1.51 4.15 3.93
N ALA A 39 -0.26 3.71 3.76
CA ALA A 39 0.22 2.50 4.41
C ALA A 39 1.60 2.67 5.03
N GLU A 40 2.04 1.63 5.74
CA GLU A 40 3.35 1.62 6.38
C GLU A 40 4.12 0.35 6.03
N LEU A 41 5.40 0.50 5.69
CA LEU A 41 6.26 -0.62 5.34
C LEU A 41 7.59 -0.50 6.10
N ASP A 42 7.91 -1.54 6.85
CA ASP A 42 9.11 -1.56 7.70
C ASP A 42 9.15 -0.35 8.65
N GLY A 43 8.00 -0.04 9.26
CA GLY A 43 7.92 1.07 10.20
C GLY A 43 7.98 2.42 9.51
N LYS A 44 7.69 2.43 8.21
CA LYS A 44 7.73 3.65 7.42
C LYS A 44 6.35 3.91 6.84
N GLU A 45 5.89 5.16 6.81
CA GLU A 45 4.60 5.48 6.22
C GLU A 45 4.78 6.19 4.89
N GLY A 46 3.71 6.25 4.11
CA GLY A 46 3.77 6.81 2.77
C GLY A 46 2.48 6.61 1.98
N LEU A 47 2.48 7.07 0.73
CA LEU A 47 1.30 6.97 -0.13
C LEU A 47 1.51 5.89 -1.19
N ILE A 48 0.45 5.15 -1.52
CA ILE A 48 0.51 4.08 -2.52
C ILE A 48 -0.82 3.99 -3.29
N PRO A 49 -0.85 3.37 -4.48
CA PRO A 49 -2.08 3.25 -5.26
C PRO A 49 -2.97 2.12 -4.74
N SER A 50 -4.21 2.48 -4.39
CA SER A 50 -5.18 1.52 -3.85
C SER A 50 -5.44 0.30 -4.73
N ASN A 51 -5.31 0.48 -6.03
CA ASN A 51 -5.46 -0.60 -7.01
C ASN A 51 -4.26 -1.55 -6.98
N TYR A 52 -3.24 -1.17 -6.22
CA TYR A 52 -2.01 -1.96 -6.10
C TYR A 52 -2.04 -2.90 -4.89
N ILE A 53 -3.11 -2.83 -4.08
CA ILE A 53 -3.23 -3.70 -2.91
C ILE A 53 -4.53 -4.50 -2.95
N GLU A 54 -4.52 -5.66 -2.29
CA GLU A 54 -5.69 -6.53 -2.24
C GLU A 54 -5.60 -7.51 -1.07
N MET A 55 -6.62 -8.34 -0.90
CA MET A 55 -6.64 -9.30 0.19
C MET A 55 -6.81 -10.73 -0.33
N LYS A 56 -5.79 -11.55 -0.13
CA LYS A 56 -5.83 -12.94 -0.56
C LYS A 56 -4.80 -13.78 0.18
N ASN A 57 -5.17 -14.23 1.38
CA ASN A 57 -4.28 -15.03 2.21
C ASN A 57 -4.92 -16.37 2.56
N HIS A 58 -5.59 -16.98 1.57
CA HIS A 58 -6.21 -18.29 1.73
C HIS A 58 -7.28 -18.36 2.83
N ASP A 59 -8.43 -17.76 2.55
CA ASP A 59 -9.55 -17.73 3.48
C ASP A 59 -9.20 -16.94 4.74
N MET A 1 -7.75 -3.67 7.14
CA MET A 1 -6.58 -2.90 7.68
C MET A 1 -5.23 -3.46 7.21
N GLU A 2 -5.18 -4.65 6.60
CA GLU A 2 -3.91 -5.16 6.11
C GLU A 2 -4.09 -5.74 4.70
N ALA A 3 -3.12 -5.48 3.83
CA ALA A 3 -3.20 -6.00 2.47
C ALA A 3 -1.86 -6.57 1.99
N ILE A 4 -1.87 -7.07 0.75
CA ILE A 4 -0.68 -7.68 0.17
C ILE A 4 -0.43 -7.21 -1.27
N ALA A 5 0.84 -7.00 -1.59
CA ALA A 5 1.25 -6.57 -2.93
C ALA A 5 1.06 -7.66 -3.97
N LYS A 6 0.35 -7.33 -5.04
CA LYS A 6 0.15 -8.27 -6.14
C LYS A 6 1.27 -8.13 -7.19
N HIS A 7 1.84 -6.92 -7.25
CA HIS A 7 2.92 -6.63 -8.17
C HIS A 7 3.90 -5.66 -7.49
N ASP A 8 4.96 -5.38 -8.26
CA ASP A 8 6.06 -4.56 -7.75
C ASP A 8 5.78 -3.08 -7.99
N PHE A 9 6.16 -2.25 -7.04
CA PHE A 9 5.92 -0.82 -7.19
C PHE A 9 7.09 0.03 -6.69
N SER A 10 7.64 0.88 -7.57
CA SER A 10 8.73 1.79 -7.20
C SER A 10 8.25 3.24 -7.32
N ALA A 11 8.40 3.95 -6.19
CA ALA A 11 7.99 5.33 -6.02
C ALA A 11 8.63 6.29 -7.01
N THR A 12 7.84 7.24 -7.47
CA THR A 12 8.32 8.21 -8.44
C THR A 12 8.31 9.62 -7.83
N ALA A 13 8.10 9.70 -6.52
CA ALA A 13 8.06 10.99 -5.82
C ALA A 13 8.69 10.91 -4.43
N ASP A 14 8.98 12.09 -3.89
CA ASP A 14 9.64 12.24 -2.59
C ASP A 14 8.83 11.78 -1.39
N ASP A 15 7.50 11.88 -1.47
CA ASP A 15 6.68 11.59 -0.30
C ASP A 15 6.28 10.12 -0.08
N GLU A 16 7.07 9.18 -0.62
CA GLU A 16 6.87 7.72 -0.40
C GLU A 16 5.99 7.09 -1.49
N LEU A 17 5.44 5.89 -1.25
CA LEU A 17 4.62 5.19 -2.25
C LEU A 17 5.41 4.19 -3.09
N SER A 18 5.77 3.03 -2.50
CA SER A 18 6.42 1.95 -3.23
C SER A 18 6.53 0.69 -2.37
N PHE A 19 6.34 -0.46 -3.01
CA PHE A 19 6.42 -1.74 -2.31
C PHE A 19 6.61 -2.91 -3.27
N ARG A 20 6.89 -4.10 -2.74
CA ARG A 20 7.11 -5.27 -3.59
C ARG A 20 6.05 -6.35 -3.36
N LYS A 21 5.84 -7.16 -4.40
CA LYS A 21 4.87 -8.25 -4.36
C LYS A 21 5.10 -9.20 -3.18
N GLY A 22 4.03 -9.52 -2.47
CA GLY A 22 4.09 -10.45 -1.36
C GLY A 22 4.20 -9.79 0.01
N GLN A 23 4.61 -8.54 0.05
CA GLN A 23 4.77 -7.86 1.34
C GLN A 23 3.45 -7.36 1.96
N ILE A 24 3.42 -7.14 3.28
CA ILE A 24 2.18 -6.72 3.95
C ILE A 24 2.17 -5.27 4.38
N LEU A 25 1.27 -4.52 3.77
CA LEU A 25 1.10 -3.10 4.04
C LEU A 25 -0.15 -2.83 4.87
N LYS A 26 0.00 -2.00 5.90
CA LYS A 26 -1.12 -1.65 6.76
C LYS A 26 -1.80 -0.36 6.31
N ILE A 27 -3.13 -0.39 6.32
CA ILE A 27 -3.91 0.80 6.01
C ILE A 27 -4.14 1.64 7.27
N LEU A 28 -3.64 2.88 7.25
CA LEU A 28 -3.74 3.77 8.40
C LEU A 28 -3.94 5.23 7.96
N ASN A 29 -4.47 5.44 6.76
CA ASN A 29 -4.68 6.83 6.31
C ASN A 29 -5.95 7.44 6.88
N MET A 30 -6.56 8.35 6.12
CA MET A 30 -7.79 9.01 6.51
C MET A 30 -8.95 8.44 5.67
N GLU A 31 -9.85 9.32 5.23
CA GLU A 31 -10.95 8.94 4.37
C GLU A 31 -10.81 9.61 3.00
N ASP A 32 -9.63 9.52 2.39
CA ASP A 32 -9.44 10.08 1.06
C ASP A 32 -10.23 9.30 0.02
N ASP A 33 -10.10 7.97 0.07
CA ASP A 33 -10.75 7.06 -0.88
C ASP A 33 -10.32 7.34 -2.31
N SER A 34 -9.07 7.06 -2.64
CA SER A 34 -8.62 7.28 -4.02
C SER A 34 -7.40 6.43 -4.41
N ASN A 35 -6.58 6.98 -5.31
CA ASN A 35 -5.44 6.25 -5.86
C ASN A 35 -4.23 6.23 -4.93
N TRP A 36 -4.07 7.24 -4.09
CA TRP A 36 -2.95 7.26 -3.16
C TRP A 36 -3.46 7.05 -1.74
N TYR A 37 -2.88 6.13 -0.99
CA TYR A 37 -3.34 5.87 0.38
C TYR A 37 -2.15 5.71 1.32
N ARG A 38 -2.36 5.89 2.62
CA ARG A 38 -1.26 5.78 3.59
C ARG A 38 -1.15 4.39 4.18
N ALA A 39 0.09 3.90 4.17
CA ALA A 39 0.38 2.58 4.67
C ALA A 39 1.69 2.54 5.45
N GLU A 40 1.86 1.48 6.24
CA GLU A 40 3.08 1.32 7.02
C GLU A 40 3.69 -0.07 6.78
N LEU A 41 5.01 -0.14 6.81
CA LEU A 41 5.72 -1.40 6.64
C LEU A 41 7.07 -1.32 7.35
N ASP A 42 7.38 -2.39 8.08
CA ASP A 42 8.59 -2.46 8.89
C ASP A 42 8.73 -1.24 9.81
N GLY A 43 7.60 -0.70 10.26
CA GLY A 43 7.63 0.45 11.15
C GLY A 43 7.79 1.78 10.43
N LYS A 44 7.62 1.75 9.11
CA LYS A 44 7.76 2.95 8.30
C LYS A 44 6.43 3.25 7.65
N GLU A 45 6.06 4.54 7.58
CA GLU A 45 4.80 4.94 6.97
C GLU A 45 5.02 5.69 5.67
N GLY A 46 4.17 5.39 4.69
CA GLY A 46 4.26 6.03 3.41
C GLY A 46 3.08 5.68 2.52
N LEU A 47 2.72 6.63 1.65
CA LEU A 47 1.66 6.42 0.68
C LEU A 47 1.98 5.24 -0.24
N ILE A 48 0.91 4.66 -0.81
CA ILE A 48 1.02 3.51 -1.73
C ILE A 48 -0.17 3.48 -2.70
N PRO A 49 -0.03 2.90 -3.93
CA PRO A 49 -1.14 2.86 -4.90
C PRO A 49 -2.17 1.78 -4.59
N SER A 50 -3.43 2.22 -4.46
CA SER A 50 -4.57 1.37 -4.12
C SER A 50 -4.79 0.12 -4.99
N ASN A 51 -4.61 0.24 -6.31
CA ASN A 51 -4.79 -0.89 -7.23
C ASN A 51 -3.69 -1.96 -7.07
N TYR A 52 -2.67 -1.69 -6.27
CA TYR A 52 -1.60 -2.67 -6.10
C TYR A 52 -1.73 -3.50 -4.81
N ILE A 53 -2.85 -3.37 -4.10
CA ILE A 53 -3.05 -4.13 -2.86
C ILE A 53 -4.17 -5.16 -2.98
N GLU A 54 -3.81 -6.43 -2.84
CA GLU A 54 -4.77 -7.52 -2.92
C GLU A 54 -5.47 -7.76 -1.57
N MET A 55 -6.65 -8.37 -1.63
CA MET A 55 -7.42 -8.68 -0.43
C MET A 55 -8.24 -9.97 -0.64
N LYS A 56 -8.92 -10.05 -1.78
CA LYS A 56 -9.73 -11.22 -2.12
C LYS A 56 -10.87 -11.43 -1.13
N ASN A 57 -12.01 -10.81 -1.42
CA ASN A 57 -13.19 -10.93 -0.57
C ASN A 57 -14.42 -11.21 -1.43
N HIS A 58 -14.68 -12.50 -1.68
CA HIS A 58 -15.78 -12.93 -2.52
C HIS A 58 -15.57 -12.47 -3.96
N ASP A 59 -14.35 -12.66 -4.46
CA ASP A 59 -14.01 -12.28 -5.82
C ASP A 59 -14.35 -10.83 -6.10
N MET A 1 -5.52 -5.03 10.71
CA MET A 1 -5.70 -4.57 9.32
C MET A 1 -4.46 -4.83 8.47
N GLU A 2 -4.64 -5.34 7.25
CA GLU A 2 -3.50 -5.59 6.37
C GLU A 2 -3.90 -6.03 4.97
N ALA A 3 -3.02 -5.71 4.02
CA ALA A 3 -3.21 -6.09 2.62
C ALA A 3 -1.92 -6.65 2.02
N ILE A 4 -1.99 -7.03 0.74
CA ILE A 4 -0.84 -7.61 0.06
C ILE A 4 -0.66 -7.05 -1.35
N ALA A 5 0.61 -6.87 -1.73
CA ALA A 5 0.97 -6.36 -3.06
C ALA A 5 0.70 -7.36 -4.17
N LYS A 6 -0.05 -6.91 -5.19
CA LYS A 6 -0.32 -7.73 -6.36
C LYS A 6 0.75 -7.52 -7.44
N HIS A 7 1.43 -6.37 -7.33
CA HIS A 7 2.51 -6.01 -8.26
C HIS A 7 3.54 -5.14 -7.54
N ASP A 8 4.59 -4.83 -8.30
CA ASP A 8 5.73 -4.09 -7.76
C ASP A 8 5.53 -2.57 -7.84
N PHE A 9 5.98 -1.85 -6.83
CA PHE A 9 5.86 -0.39 -6.84
C PHE A 9 7.11 0.29 -6.28
N SER A 10 7.77 1.10 -7.12
CA SER A 10 8.96 1.84 -6.66
C SER A 10 8.68 3.34 -6.61
N ALA A 11 8.76 3.86 -5.38
CA ALA A 11 8.52 5.26 -5.06
C ALA A 11 9.50 6.20 -5.76
N THR A 12 9.02 7.38 -6.10
CA THR A 12 9.82 8.38 -6.80
C THR A 12 10.01 9.62 -5.92
N ALA A 13 8.93 10.12 -5.34
CA ALA A 13 8.98 11.28 -4.46
C ALA A 13 9.37 10.88 -3.04
N ASP A 14 9.80 11.89 -2.28
CA ASP A 14 10.24 11.71 -0.90
C ASP A 14 9.11 11.35 0.06
N ASP A 15 7.88 11.72 -0.30
CA ASP A 15 6.74 11.50 0.57
C ASP A 15 5.92 10.26 0.19
N GLU A 16 6.43 9.52 -0.80
CA GLU A 16 5.79 8.32 -1.32
C GLU A 16 6.43 7.05 -0.80
N LEU A 17 5.72 5.92 -0.98
CA LEU A 17 6.23 4.63 -0.52
C LEU A 17 6.40 3.66 -1.68
N SER A 18 6.91 2.47 -1.37
CA SER A 18 7.15 1.44 -2.38
C SER A 18 7.03 0.06 -1.75
N PHE A 19 6.74 -0.95 -2.56
CA PHE A 19 6.60 -2.30 -2.03
C PHE A 19 6.66 -3.36 -3.12
N ARG A 20 6.95 -4.61 -2.73
CA ARG A 20 7.07 -5.70 -3.69
C ARG A 20 5.91 -6.69 -3.57
N LYS A 21 5.62 -7.37 -4.66
CA LYS A 21 4.55 -8.35 -4.72
C LYS A 21 4.65 -9.36 -3.57
N GLY A 22 3.51 -9.60 -2.92
CA GLY A 22 3.45 -10.57 -1.84
C GLY A 22 3.66 -9.97 -0.45
N GLN A 23 4.06 -8.70 -0.40
CA GLN A 23 4.30 -8.06 0.89
C GLN A 23 3.05 -7.57 1.61
N ILE A 24 3.13 -7.39 2.92
CA ILE A 24 1.96 -6.94 3.70
C ILE A 24 2.05 -5.46 4.08
N LEU A 25 1.20 -4.65 3.44
CA LEU A 25 1.18 -3.21 3.68
C LEU A 25 0.02 -2.83 4.63
N LYS A 26 0.31 -1.98 5.61
CA LYS A 26 -0.71 -1.54 6.56
C LYS A 26 -1.30 -0.17 6.22
N ILE A 27 -2.63 -0.12 6.19
CA ILE A 27 -3.36 1.13 5.95
C ILE A 27 -3.54 1.97 7.21
N LEU A 28 -3.35 3.29 7.06
CA LEU A 28 -3.54 4.22 8.18
C LEU A 28 -4.79 5.08 7.96
N ASN A 29 -4.97 5.53 6.72
CA ASN A 29 -6.12 6.36 6.35
C ASN A 29 -6.52 6.12 4.90
N MET A 30 -7.83 6.09 4.65
CA MET A 30 -8.36 5.89 3.30
C MET A 30 -9.22 7.08 2.86
N GLU A 31 -9.96 7.66 3.80
CA GLU A 31 -10.77 8.85 3.59
C GLU A 31 -11.34 9.14 2.17
N ASP A 32 -11.18 10.39 1.73
CA ASP A 32 -11.58 10.84 0.38
C ASP A 32 -10.41 10.63 -0.58
N ASP A 33 -9.41 9.86 -0.18
CA ASP A 33 -8.31 9.44 -1.03
C ASP A 33 -8.47 7.93 -1.23
N SER A 34 -9.39 7.58 -2.12
CA SER A 34 -9.67 6.19 -2.48
C SER A 34 -8.51 5.62 -3.30
N ASN A 35 -8.04 6.36 -4.29
CA ASN A 35 -6.99 5.84 -5.17
C ASN A 35 -5.63 5.92 -4.51
N TRP A 36 -5.40 6.90 -3.65
CA TRP A 36 -4.13 7.01 -2.95
C TRP A 36 -4.34 6.73 -1.47
N TYR A 37 -3.55 5.85 -0.86
CA TYR A 37 -3.73 5.54 0.55
C TYR A 37 -2.38 5.43 1.26
N ARG A 38 -2.40 5.48 2.58
CA ARG A 38 -1.15 5.42 3.35
C ARG A 38 -0.86 4.02 3.86
N ALA A 39 0.38 3.61 3.61
CA ALA A 39 0.82 2.27 3.99
C ALA A 39 1.95 2.31 5.01
N GLU A 40 2.11 1.19 5.71
CA GLU A 40 3.16 1.06 6.72
C GLU A 40 3.90 -0.26 6.53
N LEU A 41 5.22 -0.18 6.33
CA LEU A 41 6.05 -1.36 6.17
C LEU A 41 7.47 -1.09 6.68
N ASP A 42 8.03 -2.07 7.37
CA ASP A 42 9.35 -1.92 7.98
C ASP A 42 9.44 -0.67 8.86
N GLY A 43 8.29 -0.18 9.33
CA GLY A 43 8.28 1.00 10.19
C GLY A 43 8.27 2.30 9.41
N LYS A 44 7.92 2.24 8.12
CA LYS A 44 7.89 3.43 7.28
C LYS A 44 6.49 3.64 6.71
N GLU A 45 6.01 4.88 6.67
CA GLU A 45 4.71 5.19 6.11
C GLU A 45 4.86 5.88 4.75
N GLY A 46 3.77 5.92 3.98
CA GLY A 46 3.81 6.47 2.63
C GLY A 46 2.50 6.27 1.88
N LEU A 47 2.45 6.72 0.62
CA LEU A 47 1.23 6.57 -0.18
C LEU A 47 1.45 5.53 -1.29
N ILE A 48 0.38 4.82 -1.67
CA ILE A 48 0.45 3.82 -2.73
C ILE A 48 -0.91 3.68 -3.43
N PRO A 49 -0.99 2.98 -4.58
CA PRO A 49 -2.25 2.82 -5.31
C PRO A 49 -3.07 1.64 -4.77
N SER A 50 -4.30 1.97 -4.37
CA SER A 50 -5.22 0.99 -3.80
C SER A 50 -5.47 -0.27 -4.64
N ASN A 51 -5.48 -0.09 -5.96
CA ASN A 51 -5.64 -1.20 -6.91
C ASN A 51 -4.34 -2.00 -7.06
N TYR A 52 -3.27 -1.52 -6.43
CA TYR A 52 -1.98 -2.20 -6.49
C TYR A 52 -1.73 -3.09 -5.28
N ILE A 53 -2.67 -3.13 -4.34
CA ILE A 53 -2.53 -3.96 -3.14
C ILE A 53 -3.85 -4.64 -2.79
N GLU A 54 -3.87 -5.29 -1.61
CA GLU A 54 -5.04 -6.01 -1.09
C GLU A 54 -4.94 -7.51 -1.37
N MET A 55 -6.08 -8.22 -1.32
CA MET A 55 -6.11 -9.65 -1.54
C MET A 55 -7.42 -10.08 -2.22
N LYS A 56 -7.58 -9.67 -3.48
CA LYS A 56 -8.79 -9.99 -4.24
C LYS A 56 -10.02 -9.30 -3.67
N ASN A 57 -10.05 -7.97 -3.80
CA ASN A 57 -11.18 -7.19 -3.30
C ASN A 57 -11.22 -5.80 -3.94
N HIS A 58 -10.61 -4.81 -3.28
CA HIS A 58 -10.61 -3.43 -3.75
C HIS A 58 -12.01 -2.82 -3.73
N ASP A 59 -12.41 -2.14 -4.81
CA ASP A 59 -13.73 -1.51 -4.87
C ASP A 59 -13.81 -0.38 -3.84
N MET A 1 -7.56 -3.25 7.66
CA MET A 1 -6.37 -2.68 8.36
C MET A 1 -5.08 -3.38 7.93
N GLU A 2 -5.20 -4.56 7.32
CA GLU A 2 -4.00 -5.26 6.83
C GLU A 2 -4.14 -5.55 5.34
N ALA A 3 -3.03 -5.49 4.60
CA ALA A 3 -3.08 -5.76 3.17
C ALA A 3 -1.81 -6.45 2.65
N ILE A 4 -1.86 -6.83 1.37
CA ILE A 4 -0.73 -7.51 0.72
C ILE A 4 -0.50 -6.98 -0.70
N ALA A 5 0.77 -6.81 -1.07
CA ALA A 5 1.15 -6.32 -2.40
C ALA A 5 0.91 -7.38 -3.49
N LYS A 6 0.14 -7.00 -4.52
CA LYS A 6 -0.11 -7.90 -5.64
C LYS A 6 0.97 -7.74 -6.72
N HIS A 7 1.62 -6.58 -6.72
CA HIS A 7 2.69 -6.27 -7.67
C HIS A 7 3.70 -5.30 -7.04
N ASP A 8 4.72 -5.00 -7.85
CA ASP A 8 5.84 -4.18 -7.38
C ASP A 8 5.56 -2.69 -7.57
N PHE A 9 6.05 -1.88 -6.62
CA PHE A 9 5.85 -0.44 -6.69
C PHE A 9 7.10 0.32 -6.22
N SER A 10 7.66 1.13 -7.12
CA SER A 10 8.81 1.96 -6.76
C SER A 10 8.44 3.45 -6.78
N ALA A 11 8.61 4.05 -5.60
CA ALA A 11 8.29 5.45 -5.33
C ALA A 11 8.98 6.41 -6.29
N THR A 12 8.25 7.45 -6.68
CA THR A 12 8.76 8.46 -7.60
C THR A 12 8.85 9.83 -6.91
N ALA A 13 8.59 9.84 -5.60
CA ALA A 13 8.65 11.06 -4.81
C ALA A 13 9.10 10.74 -3.38
N ASP A 14 9.53 11.78 -2.68
CA ASP A 14 10.03 11.67 -1.31
C ASP A 14 8.97 11.32 -0.27
N ASP A 15 7.70 11.67 -0.54
CA ASP A 15 6.64 11.43 0.42
C ASP A 15 5.84 10.15 0.16
N GLU A 16 6.34 9.36 -0.79
CA GLU A 16 5.72 8.10 -1.19
C GLU A 16 6.47 6.89 -0.62
N LEU A 17 5.83 5.72 -0.70
CA LEU A 17 6.44 4.48 -0.20
C LEU A 17 6.53 3.41 -1.27
N SER A 18 7.57 2.59 -1.18
CA SER A 18 7.79 1.50 -2.13
C SER A 18 7.38 0.15 -1.52
N PHE A 19 7.01 -0.81 -2.38
CA PHE A 19 6.59 -2.14 -1.91
C PHE A 19 6.66 -3.17 -3.03
N ARG A 20 6.73 -4.45 -2.66
CA ARG A 20 6.82 -5.53 -3.64
C ARG A 20 5.69 -6.55 -3.45
N LYS A 21 5.35 -7.24 -4.53
CA LYS A 21 4.31 -8.25 -4.51
C LYS A 21 4.53 -9.25 -3.37
N GLY A 22 3.69 -10.26 -3.31
CA GLY A 22 3.78 -11.27 -2.26
C GLY A 22 3.87 -10.71 -0.82
N GLN A 23 4.37 -9.50 -0.64
CA GLN A 23 4.53 -8.94 0.71
C GLN A 23 3.28 -8.38 1.38
N ILE A 24 3.33 -8.20 2.70
CA ILE A 24 2.19 -7.72 3.47
C ILE A 24 2.39 -6.28 3.95
N LEU A 25 1.66 -5.35 3.35
CA LEU A 25 1.75 -3.94 3.72
C LEU A 25 0.59 -3.54 4.64
N LYS A 26 0.89 -2.75 5.67
CA LYS A 26 -0.12 -2.31 6.64
C LYS A 26 -0.78 -1.00 6.21
N ILE A 27 -2.10 -1.04 5.99
CA ILE A 27 -2.85 0.16 5.65
C ILE A 27 -3.63 0.74 6.84
N LEU A 28 -3.89 2.05 6.75
CA LEU A 28 -4.64 2.79 7.78
C LEU A 28 -6.12 2.73 7.40
N ASN A 29 -7.04 2.81 8.36
CA ASN A 29 -8.49 2.76 8.10
C ASN A 29 -8.92 1.75 7.01
N MET A 30 -9.27 2.24 5.83
CA MET A 30 -9.70 1.38 4.73
C MET A 30 -8.65 1.49 3.62
N GLU A 31 -8.70 2.61 2.90
CA GLU A 31 -7.84 2.94 1.75
C GLU A 31 -8.64 3.11 0.45
N ASP A 32 -9.98 3.19 0.55
CA ASP A 32 -10.76 3.37 -0.67
C ASP A 32 -11.22 4.79 -0.95
N ASP A 33 -10.73 5.73 -0.14
CA ASP A 33 -11.08 7.15 -0.27
C ASP A 33 -11.01 7.56 -1.75
N SER A 34 -9.82 7.35 -2.31
CA SER A 34 -9.58 7.65 -3.72
C SER A 34 -8.42 6.83 -4.29
N ASN A 35 -7.67 7.40 -5.22
CA ASN A 35 -6.61 6.66 -5.91
C ASN A 35 -5.33 6.53 -5.08
N TRP A 36 -5.06 7.47 -4.18
CA TRP A 36 -3.86 7.36 -3.34
C TRP A 36 -4.25 7.09 -1.88
N TYR A 37 -3.60 6.11 -1.24
CA TYR A 37 -3.91 5.79 0.16
C TYR A 37 -2.62 5.67 0.98
N ARG A 38 -2.73 5.76 2.30
CA ARG A 38 -1.54 5.69 3.16
C ARG A 38 -1.34 4.32 3.81
N ALA A 39 -0.12 3.83 3.65
CA ALA A 39 0.26 2.53 4.19
C ALA A 39 1.59 2.59 4.95
N GLU A 40 1.80 1.57 5.78
CA GLU A 40 3.01 1.44 6.57
C GLU A 40 3.66 0.07 6.30
N LEU A 41 4.99 0.04 6.20
CA LEU A 41 5.70 -1.20 5.95
C LEU A 41 7.04 -1.18 6.67
N ASP A 42 7.33 -2.26 7.40
CA ASP A 42 8.53 -2.36 8.22
C ASP A 42 8.76 -1.14 9.11
N GLY A 43 7.67 -0.57 9.61
CA GLY A 43 7.77 0.60 10.49
C GLY A 43 7.88 1.91 9.73
N LYS A 44 7.58 1.88 8.43
CA LYS A 44 7.68 3.08 7.60
C LYS A 44 6.33 3.38 6.98
N GLU A 45 5.96 4.66 6.90
CA GLU A 45 4.71 5.06 6.27
C GLU A 45 5.00 5.69 4.91
N GLY A 46 3.96 5.77 4.07
CA GLY A 46 4.14 6.25 2.71
C GLY A 46 2.86 6.22 1.88
N LEU A 47 2.98 6.63 0.62
CA LEU A 47 1.84 6.71 -0.29
C LEU A 47 1.95 5.62 -1.37
N ILE A 48 0.84 4.95 -1.69
CA ILE A 48 0.81 3.88 -2.69
C ILE A 48 -0.56 3.84 -3.41
N PRO A 49 -0.61 3.36 -4.69
CA PRO A 49 -1.89 3.30 -5.45
C PRO A 49 -2.82 2.18 -4.97
N SER A 50 -4.04 2.57 -4.65
CA SER A 50 -5.09 1.66 -4.15
C SER A 50 -5.37 0.41 -5.02
N ASN A 51 -5.10 0.54 -6.30
CA ASN A 51 -5.29 -0.56 -7.25
C ASN A 51 -4.24 -1.67 -7.10
N TYR A 52 -3.17 -1.40 -6.33
CA TYR A 52 -2.10 -2.38 -6.13
C TYR A 52 -2.24 -3.19 -4.83
N ILE A 53 -3.33 -3.00 -4.09
CA ILE A 53 -3.54 -3.74 -2.84
C ILE A 53 -4.52 -4.90 -3.02
N GLU A 54 -4.27 -5.99 -2.29
CA GLU A 54 -5.10 -7.19 -2.37
C GLU A 54 -4.91 -8.06 -1.13
N MET A 55 -5.96 -8.76 -0.75
CA MET A 55 -5.93 -9.65 0.42
C MET A 55 -7.23 -10.45 0.52
N LYS A 56 -8.34 -9.75 0.32
CA LYS A 56 -9.65 -10.40 0.41
C LYS A 56 -9.89 -11.31 -0.81
N ASN A 57 -10.03 -10.72 -2.00
CA ASN A 57 -10.25 -11.50 -3.23
C ASN A 57 -11.47 -12.41 -3.11
N HIS A 58 -11.26 -13.73 -3.08
CA HIS A 58 -12.33 -14.73 -3.02
C HIS A 58 -13.17 -14.79 -4.29
N ASP A 59 -13.69 -15.99 -4.56
CA ASP A 59 -14.50 -16.25 -5.75
C ASP A 59 -13.64 -16.16 -7.01
#